data_4NZM
#
_entry.id   4NZM
#
_cell.length_a   89.623
_cell.length_b   111.226
_cell.length_c   41.443
_cell.angle_alpha   90.00
_cell.angle_beta   90.00
_cell.angle_gamma   90.00
#
_symmetry.space_group_name_H-M   'P 21 21 21'
#
loop_
_entity.id
_entity.type
_entity.pdbx_description
1 polymer 'Inositol hexakisphosphate and diphosphoinositol-pentakisphosphate kinase 2'
2 non-polymer 'PHOSPHOAMINOPHOSPHONIC ACID-ADENYLATE ESTER'
3 non-polymer '(2-oxo-2-{[(1s,2R,3S,4s,5R,6S)-2,3,4,5,6-pentakis(phosphonooxy)cyclohexyl]oxy}ethyl)phosphonic acid'
4 non-polymer 'MAGNESIUM ION'
5 water water
#
_entity_poly.entity_id   1
_entity_poly.type   'polypeptide(L)'
_entity_poly.pdbx_seq_one_letter_code
;GSFTERQIVVGICSMAKKSKSKPMKEILERISLFKYITVVVFEEEVILNEPVENWPLCDCLISFHSKGFPLDKAVAYAKL
RNPFVINDLNMQYLIQDRREVYSILQAEGILLPRYAILNRDPNNPKECNLIEGEDHVEVNGEVFQKPFVEKPVSAEDHNV
YIYYPTSAGGGSQRLFRKIGSRSSVYSPESNVRKTGSYIYEEFMPTDGTDVKVYTVGPDYAHAEARKSPALDGKVERDSE
GKEVRYPVILNAREKLIAWKVCLAFKQTVCGFDLLRANGQSYVCDVNGFSFVKNSMKYYDDCAKILGNIVMRELAPQFHI
PWSIPLEAED
;
_entity_poly.pdbx_strand_id   A
#
loop_
_chem_comp.id
_chem_comp.type
_chem_comp.name
_chem_comp.formula
0EJ non-polymer '(2-oxo-2-{[(1s,2R,3S,4s,5R,6S)-2,3,4,5,6-pentakis(phosphonooxy)cyclohexyl]oxy}ethyl)phosphonic acid' 'C8 H20 O25 P6'
ANP non-polymer 'PHOSPHOAMINOPHOSPHONIC ACID-ADENYLATE ESTER' 'C10 H17 N6 O12 P3'
MG non-polymer 'MAGNESIUM ION' 'Mg 2'
#
# COMPACT_ATOMS: atom_id res chain seq x y z
N ARG A 6 -18.81 18.78 -23.95
CA ARG A 6 -19.27 17.91 -22.82
C ARG A 6 -18.29 17.94 -21.63
N GLN A 7 -18.80 17.57 -20.46
CA GLN A 7 -18.00 17.41 -19.25
C GLN A 7 -17.02 16.26 -19.38
N ILE A 8 -15.87 16.37 -18.70
CA ILE A 8 -14.95 15.25 -18.54
C ILE A 8 -15.49 14.38 -17.40
N VAL A 9 -15.66 13.09 -17.67
CA VAL A 9 -16.20 12.17 -16.69
C VAL A 9 -15.05 11.41 -16.02
N VAL A 10 -14.99 11.50 -14.70
CA VAL A 10 -14.06 10.70 -13.91
C VAL A 10 -14.85 9.57 -13.26
N GLY A 11 -14.50 8.34 -13.62
CA GLY A 11 -15.16 7.17 -13.10
C GLY A 11 -14.44 6.60 -11.91
N ILE A 12 -15.18 6.24 -10.87
CA ILE A 12 -14.63 5.63 -9.67
C ILE A 12 -15.13 4.20 -9.58
N CYS A 13 -14.20 3.26 -9.65
CA CYS A 13 -14.52 1.83 -9.74
C CYS A 13 -13.81 1.07 -8.63
N SER A 14 -14.54 0.74 -7.57
CA SER A 14 -14.03 -0.04 -6.45
C SER A 14 -15.18 -0.61 -5.64
N MET A 15 -14.86 -1.50 -4.69
CA MET A 15 -15.87 -2.02 -3.78
C MET A 15 -16.52 -0.88 -3.00
N ALA A 16 -17.80 -1.06 -2.67
CA ALA A 16 -18.60 -0.03 -2.01
C ALA A 16 -18.01 0.47 -0.70
N LYS A 17 -17.47 -0.46 0.07
CA LYS A 17 -16.76 -0.17 1.31
C LYS A 17 -15.72 0.94 1.13
N LYS A 18 -15.06 0.91 -0.03
CA LYS A 18 -14.04 1.90 -0.38
C LYS A 18 -14.61 3.18 -1.03
N SER A 19 -15.48 3.00 -2.02
N SER A 19 -15.48 3.02 -2.02
CA SER A 19 -16.10 4.12 -2.76
CA SER A 19 -16.02 4.19 -2.75
C SER A 19 -16.98 5.00 -1.90
C SER A 19 -17.03 4.99 -1.92
N LYS A 20 -17.49 4.41 -0.82
CA LYS A 20 -18.40 5.10 0.11
C LYS A 20 -17.74 5.49 1.43
N SER A 21 -16.44 5.21 1.57
CA SER A 21 -15.71 5.59 2.76
C SER A 21 -15.68 7.10 2.90
N LYS A 22 -15.55 7.59 4.13
CA LYS A 22 -15.43 9.02 4.41
C LYS A 22 -14.31 9.73 3.61
N PRO A 23 -13.07 9.18 3.58
CA PRO A 23 -12.04 9.85 2.77
C PRO A 23 -12.43 10.01 1.30
N MET A 24 -12.96 8.95 0.70
CA MET A 24 -13.39 8.99 -0.70
C MET A 24 -14.45 10.05 -0.94
N LYS A 25 -15.48 10.06 -0.09
CA LYS A 25 -16.56 11.02 -0.21
C LYS A 25 -16.03 12.45 -0.10
N GLU A 26 -15.09 12.67 0.82
CA GLU A 26 -14.50 13.99 1.00
C GLU A 26 -13.75 14.42 -0.24
N ILE A 27 -12.98 13.51 -0.82
CA ILE A 27 -12.18 13.84 -2.00
C ILE A 27 -13.08 14.05 -3.23
N LEU A 28 -14.05 13.15 -3.43
CA LEU A 28 -14.99 13.24 -4.56
C LEU A 28 -15.81 14.54 -4.59
N GLU A 29 -16.30 15.01 -3.45
CA GLU A 29 -17.01 16.30 -3.41
C GLU A 29 -16.12 17.45 -3.85
N ARG A 30 -14.81 17.34 -3.55
CA ARG A 30 -13.85 18.37 -3.93
C ARG A 30 -13.48 18.33 -5.41
N ILE A 31 -13.21 17.13 -5.94
CA ILE A 31 -12.99 16.97 -7.37
C ILE A 31 -14.20 17.47 -8.17
N SER A 32 -15.41 17.26 -7.65
CA SER A 32 -16.64 17.73 -8.31
C SER A 32 -16.69 19.26 -8.46
N LEU A 33 -15.93 19.96 -7.62
CA LEU A 33 -15.85 21.42 -7.70
C LEU A 33 -15.13 21.92 -8.96
N PHE A 34 -14.35 21.05 -9.62
CA PHE A 34 -13.76 21.40 -10.90
C PHE A 34 -14.91 21.60 -11.88
N LYS A 35 -14.93 22.77 -12.52
CA LYS A 35 -16.04 23.18 -13.38
C LYS A 35 -16.33 22.20 -14.50
N TYR A 36 -15.29 21.61 -15.09
CA TYR A 36 -15.44 20.76 -16.28
C TYR A 36 -15.40 19.25 -16.01
N ILE A 37 -15.41 18.88 -14.73
CA ILE A 37 -15.35 17.48 -14.32
C ILE A 37 -16.65 17.03 -13.68
N THR A 38 -17.16 15.88 -14.14
CA THR A 38 -18.26 15.17 -13.49
C THR A 38 -17.73 13.84 -12.94
N VAL A 39 -18.10 13.55 -11.71
CA VAL A 39 -17.72 12.29 -11.05
C VAL A 39 -18.84 11.27 -11.15
N VAL A 40 -18.50 10.06 -11.61
CA VAL A 40 -19.46 8.95 -11.66
C VAL A 40 -18.88 7.78 -10.83
N VAL A 41 -19.60 7.38 -9.79
CA VAL A 41 -19.18 6.27 -8.94
C VAL A 41 -19.89 4.99 -9.42
N PHE A 42 -19.12 3.98 -9.84
CA PHE A 42 -19.70 2.74 -10.34
C PHE A 42 -20.31 1.99 -9.16
N GLU A 43 -21.57 1.58 -9.29
CA GLU A 43 -22.25 0.83 -8.22
C GLU A 43 -21.62 -0.53 -8.05
N GLU A 44 -21.52 -1.01 -6.82
CA GLU A 44 -20.92 -2.33 -6.57
C GLU A 44 -21.68 -3.48 -7.26
N GLU A 45 -23.01 -3.40 -7.26
CA GLU A 45 -23.83 -4.43 -7.90
C GLU A 45 -23.51 -4.51 -9.41
N VAL A 46 -23.28 -3.36 -10.03
CA VAL A 46 -22.87 -3.29 -11.44
C VAL A 46 -21.48 -3.89 -11.65
N ILE A 47 -20.52 -3.49 -10.82
CA ILE A 47 -19.15 -4.01 -10.89
C ILE A 47 -19.14 -5.53 -10.77
N LEU A 48 -19.84 -6.04 -9.78
CA LEU A 48 -19.87 -7.48 -9.51
C LEU A 48 -20.72 -8.32 -10.48
N ASN A 49 -21.86 -7.77 -10.88
CA ASN A 49 -22.88 -8.55 -11.60
C ASN A 49 -23.11 -8.22 -13.08
N GLU A 50 -22.75 -7.02 -13.51
CA GLU A 50 -23.00 -6.62 -14.90
C GLU A 50 -21.76 -6.85 -15.75
N PRO A 51 -21.95 -7.21 -17.03
CA PRO A 51 -20.80 -7.31 -17.93
C PRO A 51 -20.21 -5.91 -18.18
N VAL A 52 -18.92 -5.86 -18.51
CA VAL A 52 -18.21 -4.58 -18.64
C VAL A 52 -18.79 -3.68 -19.73
N GLU A 53 -19.41 -4.30 -20.76
CA GLU A 53 -20.12 -3.58 -21.83
C GLU A 53 -21.25 -2.68 -21.29
N ASN A 54 -21.79 -3.02 -20.12
CA ASN A 54 -22.86 -2.25 -19.48
C ASN A 54 -22.41 -1.21 -18.44
N TRP A 55 -21.12 -1.25 -18.06
CA TRP A 55 -20.58 -0.29 -17.11
C TRP A 55 -20.65 1.12 -17.66
N PRO A 56 -20.76 2.13 -16.77
CA PRO A 56 -20.82 3.50 -17.29
C PRO A 56 -19.54 3.89 -18.04
N LEU A 57 -19.68 4.83 -18.95
CA LEU A 57 -18.54 5.41 -19.62
C LEU A 57 -17.80 6.40 -18.72
N CYS A 58 -16.49 6.48 -18.90
CA CYS A 58 -15.71 7.54 -18.31
C CYS A 58 -14.52 7.86 -19.21
N ASP A 59 -13.96 9.04 -19.01
CA ASP A 59 -12.79 9.49 -19.77
C ASP A 59 -11.53 9.26 -18.96
N CYS A 60 -11.68 9.27 -17.64
CA CYS A 60 -10.58 9.00 -16.70
C CYS A 60 -11.08 8.01 -15.64
N LEU A 61 -10.29 6.95 -15.41
CA LEU A 61 -10.68 5.86 -14.52
C LEU A 61 -9.80 5.78 -13.27
N ILE A 62 -10.44 5.88 -12.11
CA ILE A 62 -9.77 5.67 -10.84
C ILE A 62 -10.33 4.36 -10.30
N SER A 63 -9.52 3.31 -10.37
CA SER A 63 -9.98 1.98 -10.03
C SER A 63 -8.91 1.24 -9.25
N PHE A 64 -9.31 0.55 -8.20
CA PHE A 64 -8.35 -0.17 -7.36
C PHE A 64 -8.95 -1.39 -6.69
N HIS A 65 -8.09 -2.39 -6.54
CA HIS A 65 -8.45 -3.68 -5.99
C HIS A 65 -8.41 -3.64 -4.46
N SER A 66 -9.43 -4.25 -3.87
CA SER A 66 -9.42 -4.63 -2.46
C SER A 66 -10.16 -5.97 -2.37
N LYS A 67 -10.24 -6.58 -1.20
CA LYS A 67 -10.90 -7.91 -1.08
C LYS A 67 -12.27 -7.94 -1.76
N GLY A 68 -12.48 -8.94 -2.62
CA GLY A 68 -13.75 -9.11 -3.32
C GLY A 68 -13.87 -8.41 -4.67
N PHE A 69 -12.92 -7.54 -5.01
CA PHE A 69 -12.96 -6.81 -6.27
C PHE A 69 -12.53 -7.64 -7.50
N PRO A 70 -13.36 -7.65 -8.57
CA PRO A 70 -12.98 -8.37 -9.80
C PRO A 70 -12.01 -7.58 -10.69
N LEU A 71 -10.72 -7.70 -10.40
CA LEU A 71 -9.71 -6.93 -11.14
C LEU A 71 -9.68 -7.31 -12.62
N ASP A 72 -9.99 -8.57 -12.94
CA ASP A 72 -10.09 -9.05 -14.32
CA ASP A 72 -10.04 -8.99 -14.33
C ASP A 72 -11.10 -8.23 -15.13
N LYS A 73 -12.23 -7.90 -14.51
CA LYS A 73 -13.27 -7.08 -15.14
C LYS A 73 -12.80 -5.63 -15.35
N ALA A 74 -12.15 -5.05 -14.34
CA ALA A 74 -11.66 -3.68 -14.45
C ALA A 74 -10.67 -3.57 -15.61
N VAL A 75 -9.80 -4.57 -15.71
CA VAL A 75 -8.83 -4.66 -16.81
C VAL A 75 -9.55 -4.69 -18.15
N ALA A 76 -10.57 -5.54 -18.26
CA ALA A 76 -11.34 -5.72 -19.49
C ALA A 76 -12.10 -4.44 -19.86
N TYR A 77 -12.67 -3.78 -18.86
CA TYR A 77 -13.32 -2.50 -19.07
C TYR A 77 -12.34 -1.46 -19.61
N ALA A 78 -11.16 -1.37 -19.00
CA ALA A 78 -10.17 -0.41 -19.44
C ALA A 78 -9.72 -0.70 -20.88
N LYS A 79 -9.57 -1.98 -21.22
CA LYS A 79 -9.24 -2.39 -22.57
C LYS A 79 -10.34 -2.02 -23.56
N LEU A 80 -11.60 -2.24 -23.18
CA LEU A 80 -12.75 -1.85 -24.01
C LEU A 80 -12.87 -0.34 -24.26
N ARG A 81 -12.83 0.45 -23.20
CA ARG A 81 -13.11 1.89 -23.28
C ARG A 81 -11.90 2.80 -23.44
N ASN A 82 -10.71 2.27 -23.15
CA ASN A 82 -9.44 3.02 -23.19
C ASN A 82 -9.44 4.39 -22.47
N PRO A 83 -9.93 4.45 -21.21
CA PRO A 83 -9.86 5.74 -20.51
C PRO A 83 -8.43 6.05 -20.04
N PHE A 84 -8.21 7.28 -19.60
CA PHE A 84 -6.97 7.64 -18.93
C PHE A 84 -6.99 6.99 -17.54
N VAL A 85 -6.02 6.12 -17.27
CA VAL A 85 -5.97 5.36 -16.02
C VAL A 85 -5.03 6.00 -14.99
N ILE A 86 -5.58 6.34 -13.82
CA ILE A 86 -4.85 7.01 -12.74
C ILE A 86 -3.90 6.03 -12.00
N ASN A 87 -4.45 4.89 -11.58
CA ASN A 87 -3.69 3.81 -10.96
C ASN A 87 -3.71 2.61 -11.90
N ASP A 88 -2.54 2.25 -12.42
CA ASP A 88 -2.42 1.15 -13.37
C ASP A 88 -3.01 -0.13 -12.82
N LEU A 89 -3.90 -0.74 -13.60
CA LEU A 89 -4.62 -1.94 -13.18
C LEU A 89 -3.80 -3.23 -13.15
N ASN A 90 -2.95 -3.46 -14.15
CA ASN A 90 -2.15 -4.70 -14.19
C ASN A 90 -1.11 -4.79 -13.06
N MET A 91 -0.58 -3.65 -12.65
N MET A 91 -0.59 -3.65 -12.65
CA MET A 91 0.35 -3.57 -11.53
CA MET A 91 0.35 -3.60 -11.54
C MET A 91 -0.30 -3.99 -10.22
C MET A 91 -0.30 -4.02 -10.23
N GLN A 92 -1.63 -3.93 -10.16
CA GLN A 92 -2.36 -4.30 -8.95
C GLN A 92 -2.43 -5.82 -8.71
N TYR A 93 -2.17 -6.62 -9.74
CA TYR A 93 -1.92 -8.05 -9.54
C TYR A 93 -0.60 -8.27 -8.81
N LEU A 94 0.42 -7.53 -9.21
CA LEU A 94 1.76 -7.70 -8.66
C LEU A 94 1.86 -7.20 -7.23
N ILE A 95 1.13 -6.13 -6.91
CA ILE A 95 1.11 -5.58 -5.56
C ILE A 95 0.56 -6.60 -4.54
N GLN A 96 -0.21 -7.57 -5.02
CA GLN A 96 -0.77 -8.60 -4.16
C GLN A 96 0.25 -9.67 -3.76
N ASP A 97 1.43 -9.62 -4.36
CA ASP A 97 2.45 -10.64 -4.14
C ASP A 97 3.68 -9.93 -3.62
N ARG A 98 4.04 -10.18 -2.36
CA ARG A 98 5.18 -9.51 -1.72
CA ARG A 98 5.18 -9.51 -1.72
C ARG A 98 6.49 -9.76 -2.46
N ARG A 99 6.64 -10.95 -3.02
CA ARG A 99 7.83 -11.27 -3.80
C ARG A 99 7.99 -10.35 -5.00
N GLU A 100 6.86 -10.07 -5.67
CA GLU A 100 6.87 -9.17 -6.83
C GLU A 100 7.16 -7.73 -6.41
N VAL A 101 6.61 -7.33 -5.26
CA VAL A 101 6.86 -5.99 -4.72
C VAL A 101 8.35 -5.76 -4.44
N TYR A 102 8.98 -6.69 -3.73
CA TYR A 102 10.39 -6.53 -3.37
C TYR A 102 11.30 -6.58 -4.60
N SER A 103 10.92 -7.41 -5.56
CA SER A 103 11.64 -7.50 -6.84
C SER A 103 11.66 -6.14 -7.57
N ILE A 104 10.51 -5.49 -7.63
CA ILE A 104 10.44 -4.16 -8.25
C ILE A 104 11.24 -3.11 -7.46
N LEU A 105 11.13 -3.13 -6.13
CA LEU A 105 11.90 -2.19 -5.30
C LEU A 105 13.40 -2.35 -5.51
N GLN A 106 13.87 -3.59 -5.58
CA GLN A 106 15.27 -3.90 -5.84
CA GLN A 106 15.28 -3.84 -5.83
C GLN A 106 15.70 -3.34 -7.20
N ALA A 107 14.91 -3.62 -8.23
CA ALA A 107 15.19 -3.14 -9.59
C ALA A 107 15.26 -1.61 -9.70
N GLU A 108 14.64 -0.91 -8.75
CA GLU A 108 14.62 0.56 -8.74
C GLU A 108 15.68 1.19 -7.86
N GLY A 109 16.53 0.36 -7.27
CA GLY A 109 17.59 0.83 -6.37
C GLY A 109 17.07 1.42 -5.07
N ILE A 110 15.95 0.90 -4.58
CA ILE A 110 15.33 1.37 -3.33
C ILE A 110 15.79 0.47 -2.19
N LEU A 111 16.30 1.08 -1.12
CA LEU A 111 16.77 0.31 0.03
C LEU A 111 15.61 -0.45 0.68
N LEU A 112 15.84 -1.74 0.90
CA LEU A 112 14.92 -2.60 1.63
C LEU A 112 15.63 -3.62 2.52
N PRO A 113 14.95 -4.19 3.51
CA PRO A 113 15.67 -5.15 4.34
C PRO A 113 16.24 -6.29 3.50
N ARG A 114 17.40 -6.81 3.91
CA ARG A 114 17.91 -8.06 3.32
C ARG A 114 16.86 -9.16 3.51
N TYR A 115 16.57 -9.89 2.44
CA TYR A 115 15.51 -10.91 2.48
C TYR A 115 15.82 -12.14 1.65
N ALA A 116 15.11 -13.22 1.96
CA ALA A 116 15.15 -14.44 1.17
C ALA A 116 13.74 -15.03 1.10
N ILE A 117 13.42 -15.62 -0.05
CA ILE A 117 12.10 -16.20 -0.25
C ILE A 117 12.18 -17.72 -0.04
N LEU A 118 11.28 -18.24 0.78
CA LEU A 118 11.12 -19.67 0.90
C LEU A 118 9.81 -20.09 0.22
N ASN A 119 9.92 -20.67 -0.99
CA ASN A 119 8.75 -21.19 -1.69
C ASN A 119 8.56 -22.65 -1.34
N ARG A 120 7.38 -22.98 -0.84
CA ARG A 120 7.11 -24.30 -0.33
C ARG A 120 6.03 -24.97 -1.17
N ASP A 121 6.31 -26.21 -1.60
CA ASP A 121 5.35 -27.02 -2.33
C ASP A 121 4.41 -27.69 -1.32
N PRO A 122 3.11 -27.33 -1.34
CA PRO A 122 2.16 -27.88 -0.35
C PRO A 122 2.06 -29.42 -0.41
N ASN A 123 2.65 -30.02 -1.45
CA ASN A 123 2.72 -31.47 -1.61
C ASN A 123 3.98 -32.07 -1.00
N ASN A 124 5.06 -31.28 -0.96
CA ASN A 124 6.32 -31.69 -0.31
C ASN A 124 6.83 -30.59 0.63
N PRO A 125 6.12 -30.33 1.75
CA PRO A 125 6.43 -29.19 2.62
C PRO A 125 7.80 -29.24 3.31
N LYS A 126 8.42 -30.41 3.37
CA LYS A 126 9.71 -30.58 4.03
C LYS A 126 10.88 -30.64 3.05
N GLU A 127 10.57 -30.71 1.75
CA GLU A 127 11.58 -30.72 0.70
C GLU A 127 12.05 -29.32 0.40
N CYS A 128 11.86 -28.40 1.32
CA CYS A 128 12.13 -27.02 1.01
C CYS A 128 13.49 -26.67 1.57
N ASN A 129 14.06 -25.58 1.11
CA ASN A 129 15.38 -25.16 1.48
C ASN A 129 15.39 -24.34 2.75
N LEU A 130 14.92 -24.90 3.85
CA LEU A 130 15.01 -24.26 5.14
C LEU A 130 15.66 -25.10 6.23
N ILE A 131 16.61 -24.52 6.92
CA ILE A 131 17.25 -25.13 8.08
C ILE A 131 17.04 -24.21 9.28
N GLU A 132 16.57 -24.79 10.38
CA GLU A 132 16.27 -24.02 11.58
C GLU A 132 17.23 -24.34 12.73
N GLY A 133 17.78 -23.28 13.33
CA GLY A 133 18.50 -23.35 14.60
C GLY A 133 17.69 -22.67 15.67
N GLU A 134 18.26 -22.54 16.88
CA GLU A 134 17.55 -21.91 18.01
C GLU A 134 17.47 -20.39 17.84
N ASP A 135 18.53 -19.81 17.25
CA ASP A 135 18.67 -18.37 17.11
C ASP A 135 18.87 -17.90 15.67
N HIS A 136 18.64 -18.78 14.71
CA HIS A 136 18.74 -18.42 13.30
C HIS A 136 17.99 -19.38 12.38
N VAL A 137 17.66 -18.89 11.19
CA VAL A 137 17.24 -19.76 10.11
C VAL A 137 18.17 -19.61 8.92
N GLU A 138 18.20 -20.63 8.08
N GLU A 138 18.15 -20.62 8.07
CA GLU A 138 18.94 -20.60 6.84
CA GLU A 138 18.92 -20.64 6.84
C GLU A 138 17.95 -20.89 5.71
C GLU A 138 17.94 -20.90 5.71
N VAL A 139 17.80 -19.91 4.83
CA VAL A 139 16.83 -19.98 3.74
C VAL A 139 17.61 -19.92 2.43
N ASN A 140 17.55 -21.00 1.65
CA ASN A 140 18.38 -21.16 0.44
C ASN A 140 19.87 -20.88 0.70
N GLY A 141 20.35 -21.23 1.89
CA GLY A 141 21.76 -21.04 2.26
C GLY A 141 22.02 -19.75 3.03
N GLU A 142 21.10 -18.80 2.89
CA GLU A 142 21.26 -17.47 3.47
C GLU A 142 20.82 -17.43 4.93
N VAL A 143 21.72 -16.98 5.79
CA VAL A 143 21.52 -17.00 7.23
C VAL A 143 20.81 -15.73 7.72
N PHE A 144 19.79 -15.92 8.54
CA PHE A 144 19.14 -14.81 9.26
C PHE A 144 19.18 -15.08 10.76
N GLN A 145 19.97 -14.28 11.45
CA GLN A 145 20.02 -14.33 12.90
C GLN A 145 18.75 -13.69 13.44
N LYS A 146 18.22 -14.22 14.54
CA LYS A 146 17.15 -13.52 15.27
C LYS A 146 17.69 -12.22 15.88
N PRO A 147 16.86 -11.14 15.89
CA PRO A 147 15.48 -11.04 15.44
C PRO A 147 15.33 -11.01 13.91
N PHE A 148 14.34 -11.75 13.39
CA PHE A 148 14.03 -11.70 11.96
C PHE A 148 12.52 -11.71 11.74
N VAL A 149 12.09 -11.33 10.53
CA VAL A 149 10.69 -11.14 10.23
C VAL A 149 10.25 -12.18 9.21
N GLU A 150 9.07 -12.75 9.42
CA GLU A 150 8.52 -13.78 8.55
C GLU A 150 7.17 -13.32 7.98
N LYS A 151 7.12 -13.11 6.66
CA LYS A 151 5.93 -12.58 6.01
C LYS A 151 5.33 -13.55 4.99
N PRO A 152 4.00 -13.77 5.04
CA PRO A 152 3.34 -14.55 4.00
C PRO A 152 3.60 -13.93 2.62
N VAL A 153 3.81 -14.77 1.60
CA VAL A 153 4.03 -14.24 0.26
C VAL A 153 2.84 -13.42 -0.29
N SER A 154 1.64 -13.74 0.19
CA SER A 154 0.47 -12.94 -0.15
C SER A 154 0.46 -11.62 0.65
N ALA A 155 0.44 -10.49 -0.03
CA ALA A 155 0.44 -9.20 0.63
C ALA A 155 -0.89 -8.89 1.34
N GLU A 156 -1.91 -9.69 1.03
CA GLU A 156 -3.22 -9.54 1.64
C GLU A 156 -3.35 -10.35 2.93
N ASP A 157 -2.38 -11.22 3.21
CA ASP A 157 -2.28 -11.97 4.47
C ASP A 157 -1.39 -11.19 5.43
N HIS A 158 -1.99 -10.64 6.50
CA HIS A 158 -1.31 -9.71 7.42
C HIS A 158 -0.74 -10.38 8.67
N ASN A 159 -0.68 -11.71 8.64
CA ASN A 159 -0.14 -12.50 9.73
C ASN A 159 1.39 -12.57 9.62
N VAL A 160 2.00 -11.42 9.89
CA VAL A 160 3.45 -11.25 9.88
C VAL A 160 3.98 -11.63 11.27
N TYR A 161 5.00 -12.49 11.32
CA TYR A 161 5.58 -12.90 12.60
C TYR A 161 7.01 -12.39 12.76
N ILE A 162 7.35 -12.03 13.99
CA ILE A 162 8.70 -11.62 14.32
C ILE A 162 9.26 -12.59 15.36
N TYR A 163 10.47 -13.11 15.12
CA TYR A 163 11.05 -14.10 16.01
C TYR A 163 12.22 -13.49 16.81
N TYR A 164 12.15 -13.61 18.14
CA TYR A 164 13.10 -12.99 19.06
C TYR A 164 14.26 -13.92 19.44
N PRO A 165 15.48 -13.37 19.63
CA PRO A 165 16.62 -14.21 20.02
C PRO A 165 16.51 -14.75 21.46
N THR A 166 17.22 -15.85 21.74
CA THR A 166 17.34 -16.41 23.10
C THR A 166 17.70 -15.33 24.11
N SER A 167 18.62 -14.44 23.73
CA SER A 167 19.09 -13.33 24.58
C SER A 167 17.99 -12.35 25.00
N ALA A 168 16.82 -12.48 24.38
CA ALA A 168 15.70 -11.58 24.65
C ALA A 168 14.47 -12.30 25.19
N GLY A 169 14.61 -13.58 25.49
CA GLY A 169 13.47 -14.38 26.00
C GLY A 169 12.88 -15.33 24.98
N GLY A 170 13.34 -15.25 23.72
CA GLY A 170 12.84 -16.11 22.66
C GLY A 170 11.38 -15.82 22.38
N GLY A 171 10.68 -16.81 21.83
CA GLY A 171 9.28 -16.64 21.45
C GLY A 171 9.13 -15.81 20.17
N SER A 172 7.93 -15.27 19.97
CA SER A 172 7.60 -14.58 18.75
C SER A 172 6.49 -13.57 18.97
N GLN A 173 6.44 -12.56 18.11
CA GLN A 173 5.34 -11.61 18.09
C GLN A 173 4.50 -11.90 16.83
N ARG A 174 3.20 -12.10 17.03
CA ARG A 174 2.32 -12.42 15.92
C ARG A 174 1.48 -11.20 15.63
N LEU A 175 1.66 -10.64 14.43
CA LEU A 175 0.94 -9.43 14.01
C LEU A 175 -0.30 -9.82 13.24
N PHE A 176 -1.26 -8.91 13.17
CA PHE A 176 -2.51 -9.19 12.46
C PHE A 176 -3.28 -7.89 12.23
N ARG A 177 -4.29 -7.95 11.40
CA ARG A 177 -5.15 -6.83 11.20
C ARG A 177 -5.75 -6.46 12.56
N LYS A 178 -5.81 -5.20 12.87
CA LYS A 178 -6.20 -4.73 14.17
C LYS A 178 -7.51 -5.36 14.57
N ILE A 179 -7.60 -5.89 15.76
CA ILE A 179 -8.88 -6.30 16.31
C ILE A 179 -9.11 -5.51 17.56
N GLY A 180 -10.09 -4.62 17.50
CA GLY A 180 -10.39 -3.70 18.58
C GLY A 180 -9.18 -2.91 19.03
N SER A 181 -8.63 -3.29 20.18
CA SER A 181 -7.51 -2.56 20.78
C SER A 181 -6.12 -3.20 20.60
N ARG A 182 -6.03 -4.25 19.78
N ARG A 182 -6.04 -4.27 19.81
CA ARG A 182 -4.78 -4.99 19.62
CA ARG A 182 -4.79 -4.99 19.61
C ARG A 182 -4.39 -5.19 18.16
C ARG A 182 -4.40 -5.11 18.14
N SER A 183 -3.09 -5.16 17.90
CA SER A 183 -2.54 -5.31 16.55
C SER A 183 -1.49 -6.43 16.52
N SER A 184 -1.10 -6.91 17.68
CA SER A 184 -0.23 -8.09 17.78
C SER A 184 -0.29 -8.74 19.15
N VAL A 185 0.26 -9.95 19.26
N VAL A 185 0.28 -9.94 19.26
CA VAL A 185 0.32 -10.66 20.51
CA VAL A 185 0.26 -10.74 20.49
C VAL A 185 1.60 -11.49 20.57
C VAL A 185 1.52 -11.61 20.60
N TYR A 186 2.14 -11.62 21.78
CA TYR A 186 3.30 -12.46 22.05
C TYR A 186 2.92 -13.94 22.07
N SER A 187 3.80 -14.78 21.55
CA SER A 187 3.65 -16.22 21.63
C SER A 187 4.95 -16.85 22.13
N PRO A 188 4.88 -17.88 22.98
CA PRO A 188 6.09 -18.57 23.42
C PRO A 188 6.75 -19.39 22.32
N GLU A 189 6.07 -19.54 21.17
CA GLU A 189 6.60 -20.33 20.05
C GLU A 189 7.85 -19.69 19.43
N SER A 190 8.93 -20.47 19.39
CA SER A 190 10.22 -20.01 18.86
C SER A 190 10.52 -20.55 17.47
N ASN A 191 9.83 -21.61 17.08
CA ASN A 191 10.03 -22.20 15.76
C ASN A 191 9.15 -21.55 14.70
N VAL A 192 9.71 -21.39 13.50
CA VAL A 192 9.02 -20.75 12.39
C VAL A 192 7.85 -21.60 11.91
N ARG A 193 6.99 -21.00 11.09
CA ARG A 193 5.82 -21.69 10.59
C ARG A 193 6.24 -22.81 9.65
N LYS A 194 5.56 -23.95 9.73
CA LYS A 194 5.98 -25.10 8.93
C LYS A 194 5.18 -25.35 7.66
N THR A 195 4.06 -24.64 7.48
CA THR A 195 3.33 -24.69 6.20
C THR A 195 3.15 -23.30 5.59
N GLY A 196 3.13 -23.25 4.26
CA GLY A 196 3.04 -21.98 3.53
C GLY A 196 4.36 -21.50 2.99
N SER A 197 4.29 -20.50 2.10
CA SER A 197 5.47 -19.82 1.58
C SER A 197 5.64 -18.47 2.24
N TYR A 198 6.89 -18.09 2.52
CA TYR A 198 7.19 -16.91 3.32
C TYR A 198 8.40 -16.16 2.79
N ILE A 199 8.41 -14.86 3.04
CA ILE A 199 9.61 -14.06 2.89
C ILE A 199 10.22 -13.95 4.28
N TYR A 200 11.52 -14.23 4.38
CA TYR A 200 12.27 -14.00 5.60
C TYR A 200 13.15 -12.80 5.43
N GLU A 201 13.16 -11.91 6.41
CA GLU A 201 13.92 -10.68 6.29
C GLU A 201 14.52 -10.19 7.61
N GLU A 202 15.65 -9.48 7.50
CA GLU A 202 16.29 -8.88 8.66
CA GLU A 202 16.29 -8.91 8.68
C GLU A 202 15.35 -7.90 9.34
N PHE A 203 15.32 -7.93 10.68
CA PHE A 203 14.54 -6.97 11.47
C PHE A 203 15.33 -5.66 11.54
N MET A 204 14.69 -4.57 11.14
CA MET A 204 15.32 -3.24 11.20
C MET A 204 14.96 -2.53 12.49
N PRO A 205 15.98 -2.18 13.30
CA PRO A 205 15.77 -1.47 14.56
C PRO A 205 15.34 -0.01 14.33
N THR A 206 14.10 0.31 14.69
CA THR A 206 13.57 1.67 14.59
C THR A 206 13.39 2.25 15.99
N ASP A 207 12.94 3.49 16.09
CA ASP A 207 12.62 4.09 17.40
C ASP A 207 11.28 3.61 17.98
N GLY A 208 10.67 2.61 17.36
CA GLY A 208 9.39 2.08 17.81
C GLY A 208 8.18 2.60 17.06
N THR A 209 8.42 3.32 15.96
CA THR A 209 7.34 3.77 15.08
C THR A 209 7.61 3.39 13.62
N ASP A 210 6.54 3.29 12.84
CA ASP A 210 6.61 3.09 11.40
C ASP A 210 6.20 4.40 10.75
N VAL A 211 6.82 4.72 9.63
CA VAL A 211 6.41 5.89 8.87
C VAL A 211 5.50 5.40 7.73
N LYS A 212 4.30 5.96 7.67
CA LYS A 212 3.38 5.67 6.58
C LYS A 212 3.41 6.84 5.61
N VAL A 213 3.59 6.52 4.32
CA VAL A 213 3.72 7.55 3.28
C VAL A 213 2.58 7.40 2.29
N TYR A 214 1.98 8.52 1.89
CA TYR A 214 0.85 8.53 0.98
C TYR A 214 1.16 9.49 -0.16
N THR A 215 1.27 8.97 -1.39
CA THR A 215 1.62 9.82 -2.52
C THR A 215 0.35 10.24 -3.26
N VAL A 216 0.39 11.42 -3.89
CA VAL A 216 -0.61 11.79 -4.89
C VAL A 216 0.18 12.26 -6.10
N GLY A 217 0.49 11.32 -6.98
CA GLY A 217 1.45 11.60 -8.04
C GLY A 217 2.85 11.64 -7.44
N PRO A 218 3.88 11.69 -8.31
CA PRO A 218 5.26 11.49 -7.82
C PRO A 218 5.84 12.67 -7.03
N ASP A 219 5.21 13.83 -7.12
CA ASP A 219 5.74 15.05 -6.51
C ASP A 219 5.02 15.50 -5.24
N TYR A 220 4.12 14.67 -4.72
CA TYR A 220 3.41 14.96 -3.46
C TYR A 220 3.41 13.71 -2.59
N ALA A 221 3.82 13.85 -1.34
CA ALA A 221 3.75 12.77 -0.37
C ALA A 221 3.46 13.33 1.01
N HIS A 222 2.40 12.84 1.64
CA HIS A 222 2.13 13.10 3.06
C HIS A 222 2.66 11.91 3.85
N ALA A 223 3.38 12.18 4.93
CA ALA A 223 3.88 11.14 5.80
C ALA A 223 3.34 11.34 7.20
N GLU A 224 3.15 10.24 7.92
CA GLU A 224 2.82 10.28 9.33
C GLU A 224 3.34 9.01 9.98
N ALA A 225 3.49 9.03 11.30
CA ALA A 225 4.04 7.88 11.99
C ALA A 225 3.03 7.31 12.97
N ARG A 226 3.19 6.06 13.27
CA ARG A 226 2.34 5.31 14.15
C ARG A 226 3.16 4.32 14.92
N LYS A 227 2.75 4.00 16.14
CA LYS A 227 3.45 3.03 16.95
C LYS A 227 3.51 1.71 16.18
N SER A 228 4.68 1.09 16.18
CA SER A 228 4.85 -0.19 15.49
C SER A 228 4.08 -1.29 16.22
N PRO A 229 3.29 -2.09 15.49
CA PRO A 229 2.54 -3.20 16.09
C PRO A 229 3.48 -4.26 16.64
N ALA A 230 4.72 -4.25 16.15
CA ALA A 230 5.78 -5.17 16.58
C ALA A 230 6.28 -4.92 18.01
N LEU A 231 5.82 -3.83 18.60
CA LEU A 231 6.39 -3.39 19.84
C LEU A 231 5.77 -4.08 21.03
N ASP A 232 4.51 -3.85 21.28
CA ASP A 232 3.78 -4.74 22.15
C ASP A 232 2.37 -5.17 21.69
N GLY A 233 1.79 -4.45 20.76
CA GLY A 233 0.48 -4.78 20.25
C GLY A 233 -0.72 -4.07 20.79
N LYS A 234 -0.56 -3.24 21.80
CA LYS A 234 -1.67 -2.39 22.22
C LYS A 234 -1.75 -1.15 21.32
N VAL A 235 -2.88 -0.93 20.72
CA VAL A 235 -3.11 0.23 19.85
C VAL A 235 -3.30 1.49 20.71
N GLU A 236 -2.56 2.55 20.37
CA GLU A 236 -2.70 3.85 21.04
C GLU A 236 -3.86 4.60 20.43
N ARG A 237 -4.80 5.04 21.26
CA ARG A 237 -5.94 5.80 20.77
C ARG A 237 -6.07 7.16 21.44
N ASP A 238 -6.56 8.14 20.67
CA ASP A 238 -6.81 9.47 21.24
C ASP A 238 -8.18 9.50 21.92
N SER A 239 -8.51 10.62 22.56
CA SER A 239 -9.78 10.77 23.27
C SER A 239 -11.01 10.57 22.38
N GLU A 240 -10.81 10.60 21.08
CA GLU A 240 -11.89 10.36 20.15
C GLU A 240 -11.91 8.98 19.57
N GLY A 241 -10.99 8.15 20.02
CA GLY A 241 -10.95 6.73 19.64
C GLY A 241 -10.16 6.41 18.37
N LYS A 242 -9.57 7.44 17.75
CA LYS A 242 -8.76 7.27 16.55
C LYS A 242 -7.34 6.86 16.91
N GLU A 243 -6.72 6.03 16.07
CA GLU A 243 -5.32 5.64 16.32
C GLU A 243 -4.43 6.88 16.32
N VAL A 244 -3.54 6.95 17.30
CA VAL A 244 -2.63 8.07 17.46
C VAL A 244 -1.64 8.10 16.30
N ARG A 245 -1.43 9.27 15.73
CA ARG A 245 -0.57 9.51 14.59
C ARG A 245 0.45 10.58 14.97
N TYR A 246 1.71 10.46 14.56
CA TYR A 246 2.76 11.40 14.91
C TYR A 246 3.22 12.15 13.66
N PRO A 247 3.58 13.44 13.79
CA PRO A 247 3.99 14.24 12.65
C PRO A 247 5.30 13.73 12.07
N VAL A 248 5.38 13.73 10.74
CA VAL A 248 6.59 13.37 10.02
C VAL A 248 6.79 14.35 8.87
N ILE A 249 8.04 14.75 8.65
CA ILE A 249 8.42 15.44 7.43
C ILE A 249 9.51 14.60 6.78
N LEU A 250 9.30 14.25 5.51
CA LEU A 250 10.25 13.41 4.78
C LEU A 250 11.49 14.22 4.40
N ASN A 251 12.67 13.62 4.59
CA ASN A 251 13.91 14.22 4.10
C ASN A 251 14.03 14.05 2.59
N ALA A 252 15.09 14.60 2.01
CA ALA A 252 15.27 14.56 0.56
C ALA A 252 15.37 13.13 0.02
N ARG A 253 16.08 12.26 0.73
CA ARG A 253 16.16 10.85 0.34
C ARG A 253 14.77 10.19 0.31
N GLU A 254 13.93 10.52 1.29
CA GLU A 254 12.63 9.88 1.41
C GLU A 254 11.66 10.42 0.37
N LYS A 255 11.83 11.70 0.02
CA LYS A 255 11.02 12.28 -1.04
C LYS A 255 11.35 11.60 -2.37
N LEU A 256 12.61 11.26 -2.58
CA LEU A 256 12.99 10.51 -3.76
C LEU A 256 12.44 9.09 -3.73
N ILE A 257 12.42 8.45 -2.55
CA ILE A 257 11.81 7.13 -2.44
C ILE A 257 10.34 7.18 -2.90
N ALA A 258 9.61 8.20 -2.47
CA ALA A 258 8.18 8.32 -2.79
C ALA A 258 7.94 8.49 -4.29
N TRP A 259 8.78 9.31 -4.92
CA TRP A 259 8.81 9.53 -6.37
C TRP A 259 9.03 8.20 -7.09
N LYS A 260 10.04 7.45 -6.67
CA LYS A 260 10.36 6.15 -7.27
C LYS A 260 9.26 5.11 -7.13
N VAL A 261 8.66 5.01 -5.93
CA VAL A 261 7.61 4.02 -5.68
C VAL A 261 6.39 4.37 -6.54
N CYS A 262 5.98 5.62 -6.50
CA CYS A 262 4.82 6.06 -7.27
C CYS A 262 4.98 5.69 -8.76
N LEU A 263 6.12 5.99 -9.35
CA LEU A 263 6.36 5.70 -10.76
C LEU A 263 6.62 4.22 -11.06
N ALA A 264 7.36 3.53 -10.19
CA ALA A 264 7.71 2.12 -10.44
C ALA A 264 6.46 1.24 -10.46
N PHE A 265 5.50 1.52 -9.58
CA PHE A 265 4.28 0.74 -9.49
C PHE A 265 3.12 1.36 -10.29
N LYS A 266 3.38 2.53 -10.86
CA LYS A 266 2.40 3.25 -11.70
C LYS A 266 1.10 3.50 -10.95
N GLN A 267 1.22 3.75 -9.65
CA GLN A 267 0.09 4.07 -8.79
C GLN A 267 0.18 5.54 -8.39
N THR A 268 -0.55 6.39 -9.08
CA THR A 268 -0.62 7.81 -8.72
C THR A 268 -0.91 8.00 -7.22
N VAL A 269 -2.00 7.40 -6.75
CA VAL A 269 -2.33 7.36 -5.33
C VAL A 269 -1.74 6.07 -4.77
N CYS A 270 -0.73 6.20 -3.92
CA CYS A 270 0.02 5.03 -3.44
C CYS A 270 0.44 5.17 -1.99
N GLY A 271 0.20 4.13 -1.20
CA GLY A 271 0.65 4.11 0.17
C GLY A 271 1.78 3.11 0.31
N PHE A 272 2.79 3.46 1.10
CA PHE A 272 3.84 2.50 1.43
C PHE A 272 4.41 2.83 2.79
N ASP A 273 5.15 1.88 3.37
CA ASP A 273 5.68 1.98 4.72
C ASP A 273 7.21 2.08 4.71
N LEU A 274 7.74 2.99 5.52
CA LEU A 274 9.17 3.20 5.70
C LEU A 274 9.63 2.87 7.12
N LEU A 275 10.81 2.29 7.20
CA LEU A 275 11.46 2.01 8.46
C LEU A 275 12.68 2.90 8.54
N ARG A 276 12.69 3.81 9.50
CA ARG A 276 13.84 4.67 9.73
C ARG A 276 14.78 3.93 10.66
N ALA A 277 15.87 3.42 10.09
CA ALA A 277 16.80 2.57 10.84
C ALA A 277 18.23 2.79 10.38
N ASN A 278 19.16 2.78 11.34
CA ASN A 278 20.61 2.90 11.07
C ASN A 278 20.98 4.08 10.15
N GLY A 279 20.32 5.22 10.35
CA GLY A 279 20.57 6.41 9.55
C GLY A 279 20.02 6.43 8.13
N GLN A 280 19.24 5.40 7.78
CA GLN A 280 18.63 5.31 6.44
C GLN A 280 17.14 5.00 6.57
N SER A 281 16.45 4.96 5.42
CA SER A 281 15.03 4.65 5.39
C SER A 281 14.76 3.51 4.43
N TYR A 282 14.19 2.41 4.94
CA TYR A 282 13.92 1.20 4.17
C TYR A 282 12.43 1.05 3.94
N VAL A 283 12.05 0.72 2.71
CA VAL A 283 10.66 0.38 2.41
C VAL A 283 10.42 -1.07 2.82
N CYS A 284 9.35 -1.31 3.58
CA CYS A 284 9.03 -2.70 3.96
C CYS A 284 7.70 -3.21 3.39
N ASP A 285 6.94 -2.30 2.78
CA ASP A 285 5.59 -2.63 2.34
C ASP A 285 5.11 -1.57 1.36
N VAL A 286 4.47 -2.03 0.29
CA VAL A 286 3.82 -1.12 -0.67
C VAL A 286 2.37 -1.59 -0.80
N ASN A 287 1.43 -0.72 -0.47
CA ASN A 287 0.03 -1.09 -0.42
C ASN A 287 -0.83 -0.66 -1.61
N GLY A 288 -0.33 0.24 -2.46
CA GLY A 288 -1.14 0.77 -3.56
C GLY A 288 -2.15 1.77 -3.02
N PHE A 289 -3.30 1.86 -3.69
CA PHE A 289 -4.26 2.94 -3.44
C PHE A 289 -4.62 3.07 -1.99
N SER A 290 -4.41 4.27 -1.46
CA SER A 290 -4.64 4.55 -0.06
C SER A 290 -4.73 6.05 0.18
N PHE A 291 -5.78 6.47 0.87
CA PHE A 291 -5.95 7.88 1.28
C PHE A 291 -5.52 8.12 2.71
N VAL A 292 -5.05 9.34 3.00
CA VAL A 292 -4.89 9.80 4.36
C VAL A 292 -6.28 10.03 4.96
N LYS A 293 -6.45 9.60 6.21
CA LYS A 293 -7.69 9.79 6.95
C LYS A 293 -7.57 10.95 7.96
N ASN A 294 -8.69 11.66 8.17
CA ASN A 294 -8.81 12.70 9.21
C ASN A 294 -7.90 13.93 9.04
N SER A 295 -7.52 14.22 7.79
CA SER A 295 -6.76 15.42 7.50
C SER A 295 -7.45 16.24 6.41
N MET A 296 -8.08 17.34 6.80
N MET A 296 -8.07 17.34 6.80
CA MET A 296 -8.80 18.20 5.85
CA MET A 296 -8.80 18.19 5.86
C MET A 296 -7.87 18.74 4.77
C MET A 296 -7.90 18.82 4.80
N LYS A 297 -6.65 19.09 5.17
CA LYS A 297 -5.64 19.62 4.25
C LYS A 297 -5.29 18.58 3.16
N TYR A 298 -5.12 17.32 3.56
CA TYR A 298 -4.91 16.25 2.57
C TYR A 298 -6.08 16.17 1.60
N TYR A 299 -7.30 16.16 2.14
CA TYR A 299 -8.50 16.16 1.29
C TYR A 299 -8.43 17.25 0.22
N ASP A 300 -8.11 18.48 0.63
CA ASP A 300 -7.99 19.61 -0.28
C ASP A 300 -6.92 19.38 -1.32
N ASP A 301 -5.74 18.98 -0.85
CA ASP A 301 -4.57 18.80 -1.70
C ASP A 301 -4.73 17.68 -2.69
N CYS A 302 -5.17 16.52 -2.20
CA CYS A 302 -5.36 15.34 -3.03
C CYS A 302 -6.37 15.62 -4.15
N ALA A 303 -7.52 16.19 -3.79
CA ALA A 303 -8.54 16.53 -4.79
C ALA A 303 -8.00 17.50 -5.84
N LYS A 304 -7.28 18.54 -5.40
CA LYS A 304 -6.72 19.53 -6.31
CA LYS A 304 -6.74 19.53 -6.34
C LYS A 304 -5.73 18.89 -7.28
N ILE A 305 -4.87 18.03 -6.75
CA ILE A 305 -3.84 17.37 -7.57
C ILE A 305 -4.44 16.40 -8.59
N LEU A 306 -5.41 15.59 -8.17
CA LEU A 306 -6.06 14.66 -9.09
C LEU A 306 -6.87 15.41 -10.15
N GLY A 307 -7.62 16.41 -9.73
CA GLY A 307 -8.32 17.29 -10.69
C GLY A 307 -7.39 17.92 -11.74
N ASN A 308 -6.24 18.40 -11.28
CA ASN A 308 -5.23 18.99 -12.16
C ASN A 308 -4.59 17.98 -13.12
N ILE A 309 -4.33 16.77 -12.62
CA ILE A 309 -3.81 15.70 -13.46
C ILE A 309 -4.82 15.39 -14.57
N VAL A 310 -6.09 15.27 -14.20
CA VAL A 310 -7.17 15.03 -15.16
C VAL A 310 -7.21 16.13 -16.24
N MET A 311 -7.24 17.38 -15.80
CA MET A 311 -7.30 18.52 -16.72
C MET A 311 -6.07 18.61 -17.64
N ARG A 312 -4.88 18.38 -17.07
CA ARG A 312 -3.63 18.38 -17.84
CA ARG A 312 -3.64 18.40 -17.86
C ARG A 312 -3.69 17.38 -19.00
N GLU A 313 -4.14 16.17 -18.69
CA GLU A 313 -4.21 15.09 -19.68
C GLU A 313 -5.30 15.29 -20.74
N LEU A 314 -6.45 15.82 -20.34
CA LEU A 314 -7.64 15.75 -21.19
C LEU A 314 -8.20 17.08 -21.70
N ALA A 315 -7.83 18.20 -21.08
CA ALA A 315 -8.33 19.52 -21.51
C ALA A 315 -8.13 19.84 -23.00
N PRO A 316 -6.96 19.49 -23.58
CA PRO A 316 -6.79 19.71 -25.02
C PRO A 316 -7.80 18.96 -25.89
N GLN A 317 -8.04 17.68 -25.57
CA GLN A 317 -9.04 16.84 -26.27
C GLN A 317 -10.43 17.47 -26.25
N PHE A 318 -10.77 18.08 -25.13
CA PHE A 318 -12.10 18.65 -24.92
C PHE A 318 -12.14 20.12 -25.28
N HIS A 319 -11.01 20.63 -25.81
CA HIS A 319 -10.84 22.03 -26.19
C HIS A 319 -11.17 22.98 -25.05
N ILE A 320 -10.66 22.63 -23.86
CA ILE A 320 -10.83 23.44 -22.66
C ILE A 320 -9.50 24.15 -22.39
N PRO A 321 -9.54 25.48 -22.21
CA PRO A 321 -8.31 26.18 -21.89
C PRO A 321 -7.79 25.75 -20.51
N TRP A 322 -6.51 25.40 -20.43
CA TRP A 322 -5.91 25.01 -19.16
C TRP A 322 -4.46 25.43 -19.03
N SER A 323 -4.19 26.25 -18.02
CA SER A 323 -2.82 26.61 -17.65
C SER A 323 -2.40 25.83 -16.40
N ILE A 324 -1.33 25.04 -16.55
CA ILE A 324 -0.83 24.17 -15.48
C ILE A 324 -0.47 24.95 -14.20
N PRO A 325 -1.16 24.66 -13.08
CA PRO A 325 -1.01 25.39 -11.82
C PRO A 325 0.12 24.87 -10.92
N LEU A 326 0.47 25.67 -9.91
CA LEU A 326 1.47 25.30 -8.91
C LEU A 326 0.84 24.42 -7.83
N GLU A 327 1.59 23.44 -7.36
CA GLU A 327 1.09 22.50 -6.35
C GLU A 327 2.10 22.27 -5.24
N ALA A 328 1.59 21.99 -4.04
CA ALA A 328 2.42 21.62 -2.90
C ALA A 328 3.09 20.25 -3.13
N GLU A 329 4.17 20.02 -2.39
CA GLU A 329 4.88 18.75 -2.41
C GLU A 329 4.69 17.97 -1.10
N ASP A 330 4.12 18.65 -0.11
N ASP A 330 4.11 18.65 -0.11
CA ASP A 330 4.01 18.11 1.24
CA ASP A 330 3.84 18.06 1.21
C ASP A 330 2.59 18.28 1.77
C ASP A 330 2.41 18.34 1.63
PG ANP B . -0.30 -3.12 6.02
O1G ANP B . 0.51 -1.85 6.09
O2G ANP B . -1.59 -3.05 6.81
O3G ANP B . -0.52 -3.68 4.62
PB ANP B . 1.36 -5.71 6.18
O1B ANP B . 1.53 -5.50 4.70
O2B ANP B . 0.60 -6.95 6.59
N3B ANP B . 0.69 -4.27 6.90
PA ANP B . 4.12 -5.13 6.84
O1A ANP B . 5.17 -5.58 5.85
O2A ANP B . 3.71 -3.67 6.85
O3A ANP B . 2.82 -6.05 6.82
O5' ANP B . 4.69 -5.46 8.30
C5' ANP B . 3.91 -5.19 9.46
C4' ANP B . 4.70 -4.34 10.44
O4' ANP B . 5.80 -5.09 10.97
C3' ANP B . 5.30 -3.08 9.84
O3' ANP B . 4.41 -1.97 9.96
C2' ANP B . 6.55 -2.86 10.66
O2' ANP B . 6.25 -2.20 11.89
C1' ANP B . 6.96 -4.26 11.06
N9 ANP B . 8.01 -4.76 10.13
C8 ANP B . 7.81 -5.36 8.94
N7 ANP B . 9.01 -5.70 8.37
C5 ANP B . 9.97 -5.32 9.22
C6 ANP B . 11.45 -5.38 9.23
N6 ANP B . 12.10 -5.95 8.19
N1 ANP B . 12.08 -4.87 10.32
C2 ANP B . 11.41 -4.31 11.34
N3 ANP B . 10.06 -4.22 11.40
C4 ANP B . 9.31 -4.70 10.38
C1 0EJ C . -7.51 -1.49 5.34
C1 0EJ C . -11.56 -7.05 6.01
C2 0EJ C . -6.56 -0.37 4.86
C2 0EJ C . -11.86 -8.51 6.30
C3 0EJ C . -5.69 0.03 6.04
C3 0EJ C . -10.59 -9.30 6.47
C4 0EJ C . -6.56 0.59 7.17
C4 0EJ C . -9.75 -9.20 5.21
C5 0EJ C . -7.69 -0.41 7.61
C5 0EJ C . -9.52 -7.76 4.74
C6 0EJ C . -8.49 -0.99 6.41
C6 0EJ C . -10.79 -6.93 4.70
O11 0EJ C . -8.21 -2.02 4.22
O11 0EJ C . -12.80 -6.38 5.86
O12 0EJ C . -7.30 0.79 4.41
O12 0EJ C . -12.58 -9.05 5.19
O13 0EJ C . -4.71 1.01 5.62
O13 0EJ C . -10.95 -10.67 6.63
O14 0EJ C . -5.71 0.89 8.29
O14 0EJ C . -8.46 -9.80 5.44
O15 0EJ C . -8.61 0.26 8.49
O15 0EJ C . -9.05 -7.85 3.40
O16 0EJ C . -9.35 -2.08 6.82
O16 0EJ C . -10.41 -5.56 4.46
O21 0EJ C . -6.38 -3.72 3.54
O21 0EJ C . -13.82 -6.39 8.26
O22 0EJ C . -5.48 1.28 2.58
O22 0EJ C . -14.15 -10.21 6.91
O23 0EJ C . -3.32 -0.29 3.85
O23 0EJ C . -10.75 -10.30 9.20
O24 0EJ C . -6.93 3.17 8.66
O24 0EJ C . -6.99 -10.29 3.39
O25 0EJ C . -7.92 -1.21 10.14
O25 0EJ C . -7.14 -6.92 4.24
O26 0EJ C . -11.65 -0.91 7.04
O26 0EJ C . -12.22 -5.45 2.58
O31 0EJ C . -8.30 -4.44 5.08
O31 0EJ C . -12.15 -4.58 7.56
O32 0EJ C . -7.80 0.52 1.90
O32 0EJ C . -15.10 -8.58 5.13
O33 0EJ C . -2.68 -0.46 6.35
O33 0EJ C . -10.03 -12.51 8.14
O34 0EJ C . -5.19 2.27 10.36
O34 0EJ C . -6.85 -11.81 5.44
O36 0EJ C . -10.99 -1.93 4.78
O36 0EJ C . -12.02 -3.57 4.33
O41 0EJ C . -8.78 -3.93 2.58
O41 0EJ C . -14.52 -4.60 6.54
O42 0EJ C . -7.43 2.88 2.92
O42 0EJ C . -14.18 -10.89 4.42
O43 0EJ C . -2.28 1.74 5.08
O43 0EJ C . -12.54 -11.91 8.25
O44 0EJ C . -4.44 3.13 8.05
O44 0EJ C . -8.96 -11.86 3.92
O45 0EJ C . -10.09 2.60 12.24
O45 0EJ C . -6.59 -4.74 1.59
O46 0EJ C . -11.61 -3.47 6.65
O46 0EJ C . -10.22 -3.82 2.51
O55 0EJ C . -7.71 2.07 11.50
O55 0EJ C . -7.19 -6.07 -0.51
O65 0EJ C . -9.36 2.90 9.76
O65 0EJ C . -9.04 -5.45 1.15
PA1 0EJ C . -7.97 -3.56 3.77
PA1 0EJ C . -13.39 -5.44 7.02
PA2 0EJ C . -7.03 1.46 2.96
PA2 0EJ C . -14.02 -9.76 5.36
PA3 0EJ C . -3.19 0.58 5.22
PA3 0EJ C . -11.16 -11.38 8.08
PA4 0EJ C . -5.50 2.42 8.78
PA4 0EJ C . -7.89 -11.01 4.51
CA5 0EJ C . -8.64 -0.29 9.76
CA5 0EJ C . -7.80 -7.37 3.30
PA6 0EJ C . -10.93 -2.19 6.36
PA6 0EJ C . -11.17 -4.56 3.38
CB5 0EJ C . -9.66 0.33 10.71
CB5 0EJ C . -7.23 -7.42 1.88
PB5 0EJ C . -9.23 2.07 10.98
PB5 0EJ C . -7.63 -5.85 1.02
MG MG D . 0.81 -4.20 3.21
MG MG E . 2.42 -2.22 6.25
MG MG F . -17.67 19.48 -11.58
MG MG G . -5.06 -2.19 -0.43
#